data_2HXD
#
_entry.id   2HXD
#
_cell.length_a   171.513
_cell.length_b   171.513
_cell.length_c   171.513
_cell.angle_alpha   90.000
_cell.angle_beta   90.000
_cell.angle_gamma   90.000
#
_symmetry.space_group_name_H-M   'I 4 3 2'
#
loop_
_entity.id
_entity.type
_entity.pdbx_description
1 polymer 'dCTP deaminase, dUMP-forming'
2 non-polymer 'MAGNESIUM ION'
3 non-polymer "2'-DEOXYURIDINE 5'-ALPHA,BETA-IMIDO-TRIPHOSPHATE"
4 water water
#
_entity_poly.entity_id   1
_entity_poly.type   'polypeptide(L)'
_entity_poly.pdbx_seq_one_letter_code
;MILSDKDIIDYVTSKRIIIKPFNKDFVGPCSYDVTLGDEFIIYDDEVYDLSKELNYKRIKIKNSILVCPLNYNLTEEKIN
YFKEKYNVDYVVEGGVLGTTNEYIELPNDISAQYQGRSSLGRVFLTSHQTAGWIDAGFKGKITLAIVAFDKPVILYKNQR
IGQLIFSKLLSPADVGYSERKTSKYAYQKSVMPSLIHLDNHKKD
;
_entity_poly.pdbx_strand_id   A
#
# COMPACT_ATOMS: atom_id res chain seq x y z
N MET A 1 13.14 18.94 -3.01
CA MET A 1 13.69 18.89 -1.66
C MET A 1 13.20 17.63 -0.98
N ILE A 2 14.09 16.64 -0.99
CA ILE A 2 13.79 15.32 -0.53
C ILE A 2 14.51 15.09 0.77
N LEU A 3 13.78 14.54 1.73
CA LEU A 3 14.37 14.15 3.03
C LEU A 3 15.33 12.98 2.92
N SER A 4 16.44 13.08 3.66
CA SER A 4 17.45 12.03 3.69
C SER A 4 17.21 11.17 4.95
N ASP A 5 17.99 10.11 5.09
CA ASP A 5 18.01 9.35 6.35
C ASP A 5 17.97 10.23 7.58
N LYS A 6 18.91 11.19 7.70
CA LYS A 6 18.93 12.05 8.93
C LYS A 6 17.71 12.94 9.05
N ASP A 7 17.23 13.51 7.96
CA ASP A 7 15.97 14.27 7.99
C ASP A 7 14.79 13.44 8.47
N ILE A 8 14.72 12.19 8.00
CA ILE A 8 13.59 11.30 8.35
C ILE A 8 13.70 11.00 9.82
N ILE A 9 14.89 10.52 10.22
CA ILE A 9 15.19 10.17 11.62
C ILE A 9 14.92 11.37 12.54
N ASP A 10 15.38 12.55 12.14
CA ASP A 10 15.12 13.77 12.92
C ASP A 10 13.65 14.15 12.94
N TYR A 11 12.95 14.09 11.81
CA TYR A 11 11.49 14.39 11.80
C TYR A 11 10.67 13.40 12.63
N VAL A 12 11.16 12.18 12.73
CA VAL A 12 10.50 11.14 13.53
C VAL A 12 10.83 11.40 15.00
N THR A 13 12.15 11.41 15.30
CA THR A 13 12.68 11.86 16.60
C THR A 13 11.91 13.06 17.16
N SER A 14 11.65 14.07 16.32
CA SER A 14 10.90 15.28 16.76
C SER A 14 9.40 15.14 16.86
N LYS A 15 8.87 13.95 16.54
CA LYS A 15 7.40 13.67 16.43
C LYS A 15 6.61 14.46 15.36
N ARG A 16 7.32 14.96 14.36
CA ARG A 16 6.76 15.88 13.38
C ARG A 16 6.16 15.09 12.20
N ILE A 17 6.86 14.00 11.88
CA ILE A 17 6.31 12.87 11.16
C ILE A 17 6.11 11.67 12.09
N ILE A 18 4.89 11.14 12.11
CA ILE A 18 4.58 9.86 12.76
C ILE A 18 4.68 8.62 11.82
N ILE A 19 5.34 7.58 12.33
CA ILE A 19 5.44 6.28 11.68
C ILE A 19 5.35 5.21 12.78
N LYS A 20 4.18 4.56 12.87
CA LYS A 20 3.87 3.58 13.88
C LYS A 20 3.44 2.23 13.21
N PRO A 21 4.26 1.20 13.32
CA PRO A 21 5.58 1.09 13.96
C PRO A 21 6.80 1.55 13.12
N PHE A 22 7.85 1.96 13.84
CA PHE A 22 9.08 2.52 13.30
C PHE A 22 10.31 1.62 13.62
N ASN A 23 11.14 1.40 12.63
CA ASN A 23 12.34 0.63 12.76
C ASN A 23 13.38 1.40 11.97
N LYS A 24 14.43 1.80 12.70
CA LYS A 24 15.40 2.72 12.20
C LYS A 24 16.21 2.03 11.17
N ASP A 25 16.23 0.70 11.25
CA ASP A 25 16.94 -0.12 10.25
C ASP A 25 16.34 -0.04 8.85
N PHE A 26 15.07 0.36 8.78
CA PHE A 26 14.35 0.52 7.53
C PHE A 26 14.51 1.89 6.91
N VAL A 27 15.23 2.80 7.58
CA VAL A 27 15.58 4.12 7.01
C VAL A 27 16.73 3.95 6.03
N GLY A 28 16.54 4.33 4.78
CA GLY A 28 17.57 4.22 3.76
C GLY A 28 18.07 5.64 3.52
N PRO A 29 19.00 5.80 2.57
CA PRO A 29 19.61 7.11 2.27
C PRO A 29 18.54 8.24 2.17
N CYS A 30 17.49 7.98 1.39
CA CYS A 30 16.43 8.97 1.20
C CYS A 30 14.98 8.39 1.12
N SER A 31 14.71 7.31 1.85
CA SER A 31 13.35 6.76 1.91
C SER A 31 13.21 5.89 3.13
N TYR A 32 11.97 5.76 3.61
CA TYR A 32 11.63 4.81 4.66
C TYR A 32 10.91 3.53 4.08
N ASP A 33 11.50 2.35 4.32
CA ASP A 33 10.97 1.06 3.90
C ASP A 33 9.73 0.67 4.71
N VAL A 34 8.60 0.43 4.01
CA VAL A 34 7.32 -0.02 4.62
C VAL A 34 7.06 -1.53 4.34
N THR A 35 6.17 -2.12 5.15
CA THR A 35 6.00 -3.57 5.23
C THR A 35 4.55 -3.98 4.91
N LEU A 36 4.40 -5.18 4.40
CA LEU A 36 3.10 -5.63 3.92
C LEU A 36 2.25 -6.20 5.07
N GLY A 37 1.08 -5.61 5.26
CA GLY A 37 0.09 -6.09 6.20
C GLY A 37 -0.57 -7.40 5.79
N ASP A 38 -1.35 -7.95 6.69
CA ASP A 38 -1.92 -9.28 6.49
C ASP A 38 -3.35 -9.24 5.94
N GLU A 39 -3.89 -8.03 5.80
CA GLU A 39 -5.22 -7.83 5.26
C GLU A 39 -5.21 -7.37 3.82
N PHE A 40 -6.05 -8.04 3.03
CA PHE A 40 -6.25 -7.77 1.59
C PHE A 40 -7.73 -7.68 1.25
N ILE A 41 -8.01 -6.96 0.17
CA ILE A 41 -9.34 -6.88 -0.42
C ILE A 41 -9.35 -7.31 -1.91
N ILE A 42 -10.35 -8.12 -2.30
CA ILE A 42 -10.63 -8.32 -3.69
C ILE A 42 -12.08 -7.98 -4.02
N TYR A 43 -12.25 -7.33 -5.16
CA TYR A 43 -13.53 -6.89 -5.57
C TYR A 43 -14.29 -8.00 -6.28
N ASP A 44 -15.59 -7.84 -6.30
CA ASP A 44 -16.49 -8.86 -6.72
C ASP A 44 -17.41 -8.52 -7.88
N ASP A 45 -17.42 -7.34 -8.44
CA ASP A 45 -18.40 -7.01 -9.46
C ASP A 45 -17.86 -7.24 -10.88
N GLU A 46 -18.77 -7.39 -11.84
CA GLU A 46 -18.41 -7.56 -13.23
C GLU A 46 -17.61 -6.38 -13.79
N VAL A 47 -18.05 -5.16 -13.46
CA VAL A 47 -17.34 -3.95 -13.88
C VAL A 47 -17.25 -3.04 -12.67
N TYR A 48 -16.25 -2.17 -12.69
CA TYR A 48 -16.22 -1.07 -11.75
C TYR A 48 -16.98 0.13 -12.27
N ASP A 49 -18.19 0.32 -11.75
CA ASP A 49 -19.05 1.47 -12.07
C ASP A 49 -18.82 2.42 -10.91
N LEU A 50 -18.05 3.45 -11.19
CA LEU A 50 -17.53 4.35 -10.18
C LEU A 50 -18.60 5.25 -9.57
N SER A 51 -19.79 5.27 -10.20
CA SER A 51 -20.92 5.97 -9.62
C SER A 51 -21.54 5.17 -8.52
N LYS A 52 -21.14 3.91 -8.36
CA LYS A 52 -21.77 3.04 -7.39
C LYS A 52 -20.81 2.58 -6.32
N GLU A 53 -21.43 2.05 -5.31
CA GLU A 53 -20.73 1.47 -4.21
C GLU A 53 -20.31 0.02 -4.55
N LEU A 54 -19.09 -0.36 -4.23
CA LEU A 54 -18.53 -1.57 -4.79
C LEU A 54 -18.59 -2.75 -3.84
N ASN A 55 -18.86 -3.94 -4.37
CA ASN A 55 -18.86 -5.18 -3.62
C ASN A 55 -17.46 -5.79 -3.63
N TYR A 56 -17.04 -6.28 -2.47
CA TYR A 56 -15.73 -6.88 -2.31
C TYR A 56 -15.67 -7.88 -1.13
N LYS A 57 -14.60 -8.61 -1.07
CA LYS A 57 -14.31 -9.64 -0.08
C LYS A 57 -13.02 -9.23 0.61
N ARG A 58 -12.91 -9.54 1.92
CA ARG A 58 -11.73 -9.31 2.72
C ARG A 58 -11.11 -10.63 3.07
N ILE A 59 -9.78 -10.71 2.95
CA ILE A 59 -9.02 -11.83 3.45
C ILE A 59 -7.89 -11.40 4.39
N LYS A 60 -7.57 -12.27 5.34
CA LYS A 60 -6.40 -12.11 6.20
C LYS A 60 -5.49 -13.31 6.03
N ILE A 61 -4.28 -13.09 5.53
CA ILE A 61 -3.31 -14.17 5.41
C ILE A 61 -2.61 -14.50 6.77
N LYS A 62 -2.14 -15.76 6.91
CA LYS A 62 -1.29 -16.16 8.03
C LYS A 62 0.17 -15.97 7.70
N ASN A 63 0.60 -16.35 6.51
CA ASN A 63 1.97 -16.16 6.10
C ASN A 63 2.19 -15.60 4.72
N SER A 64 1.44 -16.09 3.73
CA SER A 64 1.73 -15.76 2.35
C SER A 64 0.53 -15.82 1.42
N ILE A 65 0.69 -15.19 0.26
CA ILE A 65 -0.34 -15.11 -0.77
C ILE A 65 0.35 -15.20 -2.14
N LEU A 66 -0.24 -15.94 -3.08
CA LEU A 66 0.22 -15.98 -4.44
C LEU A 66 -0.63 -15.06 -5.30
N VAL A 67 0.03 -14.08 -5.93
CA VAL A 67 -0.59 -13.14 -6.81
C VAL A 67 -0.27 -13.48 -8.27
N CYS A 68 -1.29 -13.96 -9.00
CA CYS A 68 -1.15 -14.33 -10.41
C CYS A 68 -1.54 -13.18 -11.31
N PRO A 69 -0.86 -13.06 -12.46
CA PRO A 69 -1.31 -12.10 -13.49
C PRO A 69 -2.74 -12.38 -13.96
N LEU A 70 -3.43 -11.32 -14.38
CA LEU A 70 -4.79 -11.45 -14.86
C LEU A 70 -4.76 -12.37 -16.06
N ASN A 71 -5.80 -13.16 -16.21
CA ASN A 71 -5.92 -14.07 -17.37
C ASN A 71 -4.94 -15.24 -17.34
N TYR A 72 -4.36 -15.48 -16.16
CA TYR A 72 -3.76 -16.80 -15.78
C TYR A 72 -4.81 -17.93 -15.85
N ASN A 73 -6.07 -17.57 -15.61
CA ASN A 73 -7.21 -18.50 -15.72
C ASN A 73 -7.16 -19.61 -14.70
N LEU A 74 -7.47 -19.17 -13.50
CA LEU A 74 -7.32 -19.97 -12.35
C LEU A 74 -8.56 -20.83 -12.25
N THR A 75 -8.36 -22.12 -12.27
CA THR A 75 -9.42 -23.05 -11.90
C THR A 75 -9.23 -23.37 -10.42
N GLU A 76 -10.26 -23.95 -9.84
CA GLU A 76 -10.21 -24.47 -8.52
C GLU A 76 -9.08 -25.45 -8.40
N GLU A 77 -8.89 -26.28 -9.43
CA GLU A 77 -7.79 -27.22 -9.46
C GLU A 77 -6.40 -26.60 -9.39
N LYS A 78 -6.19 -25.57 -10.19
CA LYS A 78 -4.95 -24.79 -10.25
C LYS A 78 -4.65 -24.11 -8.89
N ILE A 79 -5.69 -23.55 -8.29
CA ILE A 79 -5.58 -22.98 -6.97
C ILE A 79 -5.08 -23.99 -5.94
N ASN A 80 -5.75 -25.13 -5.88
CA ASN A 80 -5.36 -26.19 -4.98
C ASN A 80 -3.94 -26.70 -5.26
N TYR A 81 -3.60 -26.80 -6.53
CA TYR A 81 -2.23 -27.13 -6.95
C TYR A 81 -1.19 -26.15 -6.41
N PHE A 82 -1.45 -24.86 -6.56
CA PHE A 82 -0.50 -23.86 -6.04
C PHE A 82 -0.37 -23.82 -4.51
N LYS A 83 -1.52 -23.89 -3.84
CA LYS A 83 -1.52 -24.03 -2.40
C LYS A 83 -0.76 -25.24 -1.89
N GLU A 84 -0.95 -26.39 -2.51
CA GLU A 84 -0.17 -27.57 -2.12
C GLU A 84 1.32 -27.43 -2.44
N LYS A 85 1.66 -27.01 -3.65
CA LYS A 85 3.05 -26.90 -4.12
C LYS A 85 3.83 -25.82 -3.37
N TYR A 86 3.22 -24.67 -3.14
CA TYR A 86 3.94 -23.52 -2.60
C TYR A 86 3.50 -23.16 -1.18
N ASN A 87 2.50 -23.85 -0.62
CA ASN A 87 2.15 -23.64 0.77
C ASN A 87 1.72 -22.20 1.03
N VAL A 88 1.00 -21.60 0.09
CA VAL A 88 0.43 -20.29 0.26
C VAL A 88 -1.00 -20.44 0.82
N ASP A 89 -1.48 -19.38 1.46
CA ASP A 89 -2.80 -19.33 2.06
C ASP A 89 -3.92 -18.97 1.09
N TYR A 90 -3.65 -18.05 0.15
CA TYR A 90 -4.62 -17.64 -0.88
C TYR A 90 -3.92 -17.53 -2.21
N VAL A 91 -4.66 -17.75 -3.27
CA VAL A 91 -4.23 -17.56 -4.63
C VAL A 91 -5.26 -16.63 -5.23
N VAL A 92 -4.78 -15.55 -5.83
CA VAL A 92 -5.63 -14.55 -6.46
C VAL A 92 -5.05 -14.22 -7.83
N GLU A 93 -5.88 -13.65 -8.69
CA GLU A 93 -5.61 -13.36 -10.11
C GLU A 93 -5.96 -11.88 -10.31
N GLY A 94 -5.13 -11.12 -11.01
CA GLY A 94 -5.37 -9.70 -11.26
C GLY A 94 -5.11 -8.86 -10.03
N GLY A 95 -5.95 -7.87 -9.80
CA GLY A 95 -5.74 -6.93 -8.73
C GLY A 95 -6.17 -7.38 -7.33
N VAL A 96 -5.28 -7.15 -6.36
CA VAL A 96 -5.60 -7.28 -4.97
C VAL A 96 -5.17 -6.02 -4.20
N LEU A 97 -6.04 -5.53 -3.34
CA LEU A 97 -5.66 -4.42 -2.46
C LEU A 97 -5.01 -4.93 -1.20
N GLY A 98 -3.92 -4.28 -0.78
CA GLY A 98 -3.18 -4.64 0.44
C GLY A 98 -3.07 -3.36 1.30
N THR A 99 -2.30 -3.44 2.38
CA THR A 99 -2.06 -2.26 3.25
C THR A 99 -0.66 -2.32 3.81
N THR A 100 -0.06 -1.16 4.08
CA THR A 100 1.18 -1.13 4.91
C THR A 100 0.83 -1.51 6.35
N ASN A 101 1.78 -2.07 7.08
CA ASN A 101 1.65 -2.25 8.57
C ASN A 101 1.67 -0.85 9.26
N GLU A 102 2.49 0.02 8.68
CA GLU A 102 2.73 1.36 9.18
C GLU A 102 1.55 2.30 9.01
N TYR A 103 1.15 2.94 10.14
CA TYR A 103 0.24 4.07 10.19
C TYR A 103 1.11 5.32 10.22
N ILE A 104 0.81 6.28 9.36
CA ILE A 104 1.60 7.46 9.26
C ILE A 104 0.78 8.75 9.41
N GLU A 105 1.47 9.80 9.90
CA GLU A 105 0.91 11.15 9.95
C GLU A 105 1.90 12.16 9.34
N LEU A 106 1.42 12.96 8.40
CA LEU A 106 2.26 13.93 7.76
C LEU A 106 1.84 15.31 8.20
N PRO A 107 2.85 16.18 8.47
CA PRO A 107 2.54 17.58 8.78
C PRO A 107 2.15 18.29 7.50
N ASN A 108 1.56 19.47 7.63
CA ASN A 108 1.13 20.26 6.51
C ASN A 108 2.26 20.80 5.62
N ASP A 109 3.50 20.42 5.91
CA ASP A 109 4.65 20.90 5.14
C ASP A 109 5.53 19.71 4.62
N ILE A 110 5.05 18.49 4.80
CA ILE A 110 5.64 17.31 4.21
C ILE A 110 4.63 16.49 3.38
N SER A 111 5.14 16.01 2.24
CA SER A 111 4.44 15.18 1.30
C SER A 111 5.21 13.88 1.10
N ALA A 112 4.58 12.82 0.61
CA ALA A 112 5.34 11.59 0.30
C ALA A 112 4.87 10.93 -0.98
N GLN A 113 5.79 10.27 -1.69
CA GLN A 113 5.44 9.38 -2.77
C GLN A 113 5.75 7.97 -2.24
N TYR A 114 4.72 7.09 -2.31
CA TYR A 114 4.91 5.65 -2.12
C TYR A 114 5.41 5.08 -3.47
N GLN A 115 6.48 4.33 -3.42
CA GLN A 115 6.99 3.64 -4.56
C GLN A 115 7.39 2.21 -4.13
N GLY A 116 7.27 1.26 -5.06
CA GLY A 116 7.74 -0.11 -4.81
C GLY A 116 9.25 -0.24 -4.75
N ARG A 117 9.74 -1.24 -3.99
CA ARG A 117 11.18 -1.60 -4.03
C ARG A 117 11.56 -2.18 -5.37
N SER A 118 12.74 -1.82 -5.86
CA SER A 118 13.23 -2.35 -7.12
C SER A 118 13.31 -3.87 -7.14
N SER A 119 13.48 -4.49 -5.99
CA SER A 119 13.51 -5.94 -5.92
C SER A 119 12.20 -6.60 -6.39
N LEU A 120 11.10 -5.90 -6.13
CA LEU A 120 9.77 -6.31 -6.54
C LEU A 120 9.52 -5.88 -7.92
N GLY A 121 9.94 -4.67 -8.26
CA GLY A 121 9.85 -4.17 -9.61
C GLY A 121 10.53 -5.06 -10.61
N ARG A 122 11.69 -5.58 -10.20
CA ARG A 122 12.49 -6.53 -11.02
C ARG A 122 11.86 -7.92 -11.24
N VAL A 123 10.81 -8.27 -10.48
CA VAL A 123 9.98 -9.45 -10.77
C VAL A 123 8.58 -9.08 -11.31
N PHE A 124 8.44 -7.84 -11.77
CA PHE A 124 7.24 -7.32 -12.41
C PHE A 124 6.04 -7.31 -11.49
N LEU A 125 6.30 -7.08 -10.22
CA LEU A 125 5.24 -6.89 -9.23
C LEU A 125 5.14 -5.41 -8.82
N THR A 126 3.95 -4.82 -9.06
CA THR A 126 3.61 -3.45 -8.70
C THR A 126 2.74 -3.43 -7.46
N SER A 127 2.85 -2.34 -6.71
CA SER A 127 2.12 -2.16 -5.45
C SER A 127 1.33 -0.83 -5.37
N HIS A 128 1.35 -0.06 -6.44
CA HIS A 128 0.35 0.97 -6.67
C HIS A 128 0.08 1.08 -8.17
N GLN A 129 -1.14 1.53 -8.49
CA GLN A 129 -1.63 1.62 -9.86
C GLN A 129 -1.79 3.10 -10.25
N THR A 130 -0.74 3.68 -10.84
CA THR A 130 -0.54 5.15 -10.97
C THR A 130 -1.21 6.01 -9.86
N ALA A 131 -0.74 5.80 -8.65
CA ALA A 131 -1.23 6.49 -7.48
C ALA A 131 0.00 6.68 -6.54
N GLY A 132 -0.03 6.14 -5.32
CA GLY A 132 1.10 6.42 -4.37
C GLY A 132 1.44 7.85 -3.86
N TRP A 133 0.80 8.90 -4.38
CA TRP A 133 0.97 10.27 -3.81
C TRP A 133 0.21 10.46 -2.46
N ILE A 134 0.94 10.78 -1.40
CA ILE A 134 0.42 10.93 -0.05
C ILE A 134 0.44 12.43 0.22
N ASP A 135 -0.72 13.02 0.40
CA ASP A 135 -0.86 14.44 0.65
C ASP A 135 -0.30 14.88 2.03
N ALA A 136 0.26 16.09 2.03
CA ALA A 136 0.49 16.86 3.27
C ALA A 136 -0.77 16.88 4.13
N GLY A 137 -0.62 16.48 5.38
CA GLY A 137 -1.75 16.41 6.33
C GLY A 137 -2.37 15.04 6.45
N PHE A 138 -1.86 14.05 5.69
CA PHE A 138 -2.52 12.77 5.63
C PHE A 138 -2.27 12.05 6.93
N LYS A 139 -3.32 11.38 7.42
CA LYS A 139 -3.16 10.43 8.50
C LYS A 139 -3.74 9.09 8.08
N GLY A 140 -2.97 8.01 8.19
CA GLY A 140 -3.51 6.66 8.04
C GLY A 140 -2.46 5.64 7.62
N LYS A 141 -2.87 4.37 7.52
CA LYS A 141 -2.07 3.37 6.82
C LYS A 141 -2.12 3.65 5.33
N ILE A 142 -1.26 3.01 4.56
CA ILE A 142 -1.30 3.22 3.09
C ILE A 142 -1.87 2.01 2.35
N THR A 143 -2.87 2.27 1.54
CA THR A 143 -3.54 1.24 0.76
C THR A 143 -2.71 0.95 -0.50
N LEU A 144 -2.32 -0.33 -0.66
CA LEU A 144 -1.55 -0.78 -1.81
C LEU A 144 -2.47 -1.44 -2.84
N ALA A 145 -2.26 -1.13 -4.11
CA ALA A 145 -2.96 -1.77 -5.21
C ALA A 145 -1.96 -2.69 -5.98
N ILE A 146 -2.06 -4.00 -5.78
CA ILE A 146 -1.05 -4.94 -6.24
C ILE A 146 -1.41 -5.79 -7.49
N VAL A 147 -0.55 -5.76 -8.51
CA VAL A 147 -0.74 -6.51 -9.77
C VAL A 147 0.58 -7.09 -10.17
N ALA A 148 0.56 -8.39 -10.49
CA ALA A 148 1.69 -9.11 -11.11
C ALA A 148 1.60 -9.05 -12.65
N PHE A 149 2.69 -8.75 -13.32
CA PHE A 149 2.66 -8.53 -14.79
C PHE A 149 3.46 -9.53 -15.64
N ASP A 150 4.13 -10.48 -15.01
CA ASP A 150 4.88 -11.49 -15.74
C ASP A 150 4.48 -12.93 -15.32
N LYS A 151 4.72 -13.28 -14.05
CA LYS A 151 4.39 -14.60 -13.50
C LYS A 151 3.89 -14.43 -12.11
N PRO A 152 3.23 -15.45 -11.58
CA PRO A 152 2.76 -15.31 -10.22
C PRO A 152 3.90 -15.04 -9.23
N VAL A 153 3.59 -14.23 -8.21
CA VAL A 153 4.53 -13.85 -7.20
C VAL A 153 4.02 -14.21 -5.81
N ILE A 154 4.90 -14.84 -5.01
CA ILE A 154 4.62 -15.07 -3.58
C ILE A 154 5.08 -13.86 -2.78
N LEU A 155 4.13 -13.24 -2.09
CA LEU A 155 4.36 -12.21 -1.14
C LEU A 155 4.08 -12.74 0.27
N TYR A 156 4.97 -12.38 1.20
CA TYR A 156 4.92 -12.82 2.61
C TYR A 156 4.48 -11.71 3.49
N LYS A 157 3.63 -12.03 4.46
CA LYS A 157 3.24 -11.12 5.55
C LYS A 157 4.48 -10.44 6.15
N ASN A 158 4.38 -9.13 6.35
CA ASN A 158 5.46 -8.33 7.02
C ASN A 158 6.73 -8.12 6.20
N GLN A 159 6.77 -8.59 4.97
CA GLN A 159 7.91 -8.30 4.13
C GLN A 159 7.92 -6.82 3.73
N ARG A 160 9.12 -6.34 3.40
CA ARG A 160 9.33 -5.00 2.91
C ARG A 160 8.96 -4.99 1.40
N ILE A 161 7.97 -4.16 1.08
CA ILE A 161 7.23 -4.17 -0.22
C ILE A 161 7.51 -2.86 -1.02
N GLY A 162 7.66 -1.75 -0.28
CA GLY A 162 8.02 -0.49 -0.86
C GLY A 162 8.58 0.52 0.11
N GLN A 163 8.54 1.78 -0.31
CA GLN A 163 9.27 2.83 0.39
C GLN A 163 8.55 4.14 0.26
N LEU A 164 8.53 4.92 1.34
CA LEU A 164 8.08 6.31 1.36
C LEU A 164 9.26 7.28 1.11
N ILE A 165 9.05 8.19 0.16
CA ILE A 165 10.03 9.17 -0.27
C ILE A 165 9.40 10.48 0.13
N PHE A 166 9.89 11.11 1.18
CA PHE A 166 9.26 12.33 1.68
C PHE A 166 9.89 13.58 1.03
N SER A 167 9.10 14.62 0.93
CA SER A 167 9.53 15.82 0.30
C SER A 167 8.92 17.01 1.03
N LYS A 168 9.72 18.09 1.10
CA LYS A 168 9.31 19.38 1.71
C LYS A 168 8.47 20.18 0.77
N LEU A 169 7.38 20.75 1.30
CA LEU A 169 6.67 21.79 0.61
C LEU A 169 7.36 23.17 0.70
N LEU A 170 7.17 23.93 -0.37
CA LEU A 170 7.62 25.29 -0.49
C LEU A 170 7.02 26.18 0.62
N SER A 171 5.70 26.09 0.74
CA SER A 171 4.93 26.66 1.84
C SER A 171 4.02 25.55 2.35
N PRO A 172 3.59 25.63 3.59
CA PRO A 172 2.80 24.50 4.08
C PRO A 172 1.38 24.61 3.50
N ALA A 173 0.62 23.53 3.56
CA ALA A 173 -0.76 23.56 3.03
C ALA A 173 -1.66 24.33 4.02
N ASP A 174 -2.53 25.20 3.53
CA ASP A 174 -3.56 25.82 4.39
C ASP A 174 -4.38 24.80 5.15
N VAL A 175 -4.82 23.77 4.45
CA VAL A 175 -5.59 22.73 5.09
C VAL A 175 -4.97 21.42 4.59
N GLY A 176 -4.32 20.72 5.51
CA GLY A 176 -3.84 19.37 5.25
C GLY A 176 -4.97 18.34 4.99
N TYR A 177 -4.60 17.20 4.38
CA TYR A 177 -5.55 16.17 3.97
C TYR A 177 -6.59 15.81 5.07
N SER A 178 -6.11 15.53 6.27
CA SER A 178 -6.96 15.03 7.36
C SER A 178 -7.88 16.07 7.98
N GLU A 179 -7.52 17.36 7.83
CA GLU A 179 -8.39 18.51 8.19
C GLU A 179 -9.53 18.79 7.19
N ARG A 180 -9.53 18.18 6.00
CA ARG A 180 -10.59 18.43 5.00
C ARG A 180 -11.80 17.54 5.17
N LYS A 181 -12.98 18.15 4.99
CA LYS A 181 -14.28 17.46 5.14
C LYS A 181 -14.46 16.50 3.94
N THR A 182 -13.97 16.95 2.78
CA THR A 182 -14.06 16.19 1.52
C THR A 182 -13.27 14.87 1.52
N SER A 183 -12.26 14.75 2.39
CA SER A 183 -11.30 13.63 2.38
C SER A 183 -11.92 12.26 2.65
N LYS A 184 -11.64 11.29 1.76
CA LYS A 184 -12.30 9.99 1.78
C LYS A 184 -11.54 9.02 2.70
N TYR A 185 -10.22 9.14 2.76
CA TYR A 185 -9.32 8.07 3.27
C TYR A 185 -8.47 8.37 4.56
N ALA A 186 -8.84 9.45 5.26
CA ALA A 186 -8.19 9.85 6.53
C ALA A 186 -8.44 8.87 7.67
N TYR A 187 -7.40 8.61 8.47
CA TYR A 187 -7.47 7.69 9.63
C TYR A 187 -7.67 6.20 9.24
N GLN A 188 -6.94 5.82 8.20
CA GLN A 188 -7.06 4.56 7.48
C GLN A 188 -6.36 3.48 8.29
N LYS A 189 -7.13 2.55 8.87
CA LYS A 189 -6.63 1.60 9.88
C LYS A 189 -6.27 0.26 9.25
N SER A 190 -6.73 0.09 8.01
CA SER A 190 -6.45 -1.10 7.24
C SER A 190 -6.53 -0.78 5.74
N VAL A 191 -6.50 -1.87 4.95
CA VAL A 191 -6.73 -1.83 3.50
C VAL A 191 -8.16 -1.32 3.24
N MET A 192 -8.28 -0.34 2.35
CA MET A 192 -9.57 0.34 2.12
C MET A 192 -9.92 0.39 0.63
N PRO A 193 -11.15 -0.03 0.27
CA PRO A 193 -11.53 0.00 -1.15
C PRO A 193 -11.75 1.44 -1.66
N SER A 194 -11.97 1.57 -2.97
CA SER A 194 -12.31 2.83 -3.56
C SER A 194 -13.67 3.39 -3.09
N LEU A 195 -13.65 4.67 -2.66
CA LEU A 195 -14.88 5.39 -2.28
C LEU A 195 -15.25 6.50 -3.29
N ILE A 196 -14.80 6.34 -4.54
CA ILE A 196 -15.08 7.30 -5.62
C ILE A 196 -16.57 7.59 -5.88
N HIS A 197 -17.45 6.65 -5.55
CA HIS A 197 -18.90 6.95 -5.58
C HIS A 197 -19.32 8.15 -4.67
N LEU A 198 -18.41 8.62 -3.81
CA LEU A 198 -18.64 9.80 -2.95
C LEU A 198 -18.24 11.15 -3.56
N ASP A 199 -17.76 11.18 -4.81
CA ASP A 199 -17.39 12.44 -5.49
C ASP A 199 -18.58 13.43 -5.63
#